data_8DUG
#
_entry.id   8DUG
#
_cell.length_a   103.133
_cell.length_b   57.224
_cell.length_c   87.687
_cell.angle_alpha   90.000
_cell.angle_beta   103.890
_cell.angle_gamma   90.000
#
_symmetry.space_group_name_H-M   'C 1 2 1'
#
loop_
_entity.id
_entity.type
_entity.pdbx_description
1 polymer 'Estrogen receptor'
2 non-polymer "[(1'R)-6'-hydroxy-1'-(4-{2-[(3R)-3-methylpyrrolidin-1-yl]ethoxy}phenyl)-1',4'-dihydro-2'H-spiro[cyclopropane-1,3'-isoquinolin]-2'-yl](phenyl)methanone"
3 water water
#
_entity_poly.entity_id   1
_entity_poly.type   'polypeptide(L)'
_entity_poly.pdbx_seq_one_letter_code
;MSKKNSLALSLTADQMVSALLDAEPPILYSEYDPTRPFSEASMMGLLTNLADRELVHMINWAKRVPGFVDLTLHDQVHLL
ESAWLEILMIGLVWRSMEHPGKLLFAPNLLLDRNQGKSVEGMVEIFDMLLATSSRFRMMNLQGEEFVCLKSIILLNSGVY
TFLSSTLKSLEEKDHIHRVLDKITDTLIHLMAKAGLTLQQQHQRLAQLLLILSHIRHMSNKGMEHLYSMKSKNVVPSYDL
LLEMLDAHRLHAPTS
;
_entity_poly.pdbx_strand_id   A,B
#
loop_
_chem_comp.id
_chem_comp.type
_chem_comp.name
_chem_comp.formula
TVF non-polymer [(1'R)-6'-hydroxy-1'-(4-{2-[(3R)-3-methylpyrrolidin-1-yl]ethoxy}phenyl)-1',4'-dihydro-2'H-spiro[cyclopropane-1,3'-isoquinolin]-2'-yl](phenyl)methanone 'C31 H34 N2 O3'
#
# COMPACT_ATOMS: atom_id res chain seq x y z
N SER A 10 16.51 1.38 21.02
CA SER A 10 16.93 2.33 22.04
C SER A 10 17.56 3.58 21.41
N LEU A 11 17.59 3.61 20.09
CA LEU A 11 18.14 4.75 19.37
C LEU A 11 17.20 5.94 19.46
N THR A 12 17.77 7.13 19.64
CA THR A 12 16.98 8.35 19.56
C THR A 12 16.56 8.60 18.11
N ALA A 13 15.69 9.59 17.92
CA ALA A 13 15.22 9.91 16.59
C ALA A 13 16.37 10.33 15.69
N ASP A 14 17.27 11.19 16.19
CA ASP A 14 18.41 11.61 15.39
C ASP A 14 19.40 10.47 15.20
N GLN A 15 19.46 9.53 16.13
CA GLN A 15 20.30 8.36 15.92
C GLN A 15 19.70 7.42 14.88
N MET A 16 18.38 7.38 14.76
CA MET A 16 17.74 6.58 13.73
C MET A 16 17.95 7.21 12.35
N VAL A 17 17.90 8.54 12.27
CA VAL A 17 18.16 9.20 10.99
C VAL A 17 19.60 8.99 10.56
N SER A 18 20.55 9.17 11.49
CA SER A 18 21.95 9.03 11.15
C SER A 18 22.27 7.61 10.71
N ALA A 19 21.69 6.61 11.36
CA ALA A 19 21.95 5.22 10.98
C ALA A 19 21.40 4.92 9.59
N LEU A 20 20.22 5.45 9.27
CA LEU A 20 19.61 5.19 7.97
C LEU A 20 20.35 5.94 6.86
N LEU A 21 20.88 7.13 7.16
CA LEU A 21 21.58 7.90 6.14
C LEU A 21 22.93 7.28 5.81
N ASP A 22 23.62 6.73 6.81
CA ASP A 22 24.89 6.07 6.57
C ASP A 22 24.73 4.69 5.93
N ALA A 23 23.56 4.07 6.08
CA ALA A 23 23.29 2.79 5.43
C ALA A 23 22.89 2.93 3.98
N GLU A 24 22.79 4.16 3.47
CA GLU A 24 22.28 4.38 2.12
C GLU A 24 23.22 3.78 1.08
N PRO A 25 22.71 3.01 0.12
CA PRO A 25 23.57 2.43 -0.90
C PRO A 25 24.00 3.47 -1.91
N PRO A 26 25.11 3.25 -2.61
CA PRO A 26 25.58 4.25 -3.58
C PRO A 26 24.76 4.23 -4.86
N ILE A 27 24.83 5.34 -5.58
CA ILE A 27 24.20 5.45 -6.89
C ILE A 27 25.08 4.71 -7.90
N LEU A 28 24.50 3.70 -8.53
CA LEU A 28 25.25 2.88 -9.50
C LEU A 28 25.11 3.43 -10.91
N TYR A 29 26.07 3.08 -11.74
CA TYR A 29 26.11 3.60 -13.12
C TYR A 29 25.85 2.49 -14.11
N SER A 30 25.64 2.91 -15.33
CA SER A 30 25.46 1.98 -16.47
C SER A 30 26.77 1.93 -17.28
N GLU A 31 26.92 0.93 -18.14
CA GLU A 31 28.15 0.77 -18.95
C GLU A 31 28.40 2.03 -19.79
N TYR A 32 29.65 2.50 -19.83
CA TYR A 32 30.04 3.71 -20.62
C TYR A 32 30.75 3.27 -21.91
N ASP A 33 30.51 3.99 -23.00
CA ASP A 33 31.15 3.76 -24.32
C ASP A 33 30.77 4.91 -25.27
N PHE A 38 23.47 5.36 -27.66
CA PHE A 38 22.49 4.55 -26.89
C PHE A 38 21.40 4.02 -27.82
N SER A 39 21.12 2.71 -27.74
CA SER A 39 20.09 2.07 -28.60
C SER A 39 18.91 1.62 -27.73
N GLU A 40 17.69 1.63 -28.29
CA GLU A 40 16.47 1.21 -27.55
C GLU A 40 16.41 -0.32 -27.51
N ALA A 41 17.23 -0.99 -28.32
CA ALA A 41 17.26 -2.45 -28.38
C ALA A 41 18.06 -3.03 -27.22
N SER A 42 19.05 -2.30 -26.71
CA SER A 42 19.86 -2.76 -25.58
C SER A 42 19.39 -2.17 -24.25
N MET A 43 18.25 -1.48 -24.24
CA MET A 43 17.81 -0.79 -23.04
C MET A 43 17.51 -1.77 -21.92
N MET A 44 16.86 -2.87 -22.26
CA MET A 44 16.42 -3.78 -21.20
C MET A 44 17.57 -4.62 -20.67
N GLY A 45 18.54 -4.97 -21.51
CA GLY A 45 19.77 -5.55 -20.99
C GLY A 45 20.51 -4.63 -20.02
N LEU A 46 20.51 -3.32 -20.29
CA LEU A 46 21.14 -2.39 -19.36
C LEU A 46 20.38 -2.32 -18.04
N LEU A 47 19.05 -2.24 -18.10
CA LEU A 47 18.27 -2.11 -16.88
C LEU A 47 18.30 -3.37 -16.05
N THR A 48 18.29 -4.55 -16.70
CA THR A 48 18.40 -5.79 -15.96
C THR A 48 19.77 -5.91 -15.28
N ASN A 49 20.83 -5.56 -15.98
CA ASN A 49 22.15 -5.56 -15.37
C ASN A 49 22.23 -4.57 -14.22
N LEU A 50 21.58 -3.41 -14.37
CA LEU A 50 21.60 -2.41 -13.32
C LEU A 50 20.89 -2.91 -12.07
N ALA A 51 19.70 -3.46 -12.23
CA ALA A 51 18.91 -3.96 -11.08
C ALA A 51 19.68 -5.09 -10.39
N ASP A 52 20.34 -5.94 -11.16
CA ASP A 52 21.14 -7.06 -10.60
C ASP A 52 22.22 -6.51 -9.65
N ARG A 53 22.97 -5.51 -10.08
CA ARG A 53 24.02 -4.92 -9.22
C ARG A 53 23.42 -4.17 -8.04
N GLU A 54 22.27 -3.53 -8.24
CA GLU A 54 21.65 -2.78 -7.15
C GLU A 54 21.15 -3.71 -6.04
N LEU A 55 20.72 -4.92 -6.39
CA LEU A 55 20.18 -5.82 -5.38
C LEU A 55 21.24 -6.18 -4.33
N VAL A 56 22.48 -6.36 -4.76
CA VAL A 56 23.55 -6.69 -3.82
C VAL A 56 23.73 -5.58 -2.79
N HIS A 57 23.74 -4.33 -3.24
CA HIS A 57 23.83 -3.19 -2.34
C HIS A 57 22.56 -3.02 -1.51
N MET A 58 21.42 -3.45 -2.05
CA MET A 58 20.18 -3.34 -1.30
C MET A 58 20.18 -4.27 -0.10
N ILE A 59 20.74 -5.46 -0.26
CA ILE A 59 20.79 -6.40 0.87
C ILE A 59 21.76 -5.89 1.94
N ASN A 60 22.85 -5.23 1.52
CA ASN A 60 23.75 -4.62 2.48
C ASN A 60 23.07 -3.49 3.25
N TRP A 61 22.23 -2.71 2.55
CA TRP A 61 21.47 -1.65 3.23
C TRP A 61 20.46 -2.24 4.20
N ALA A 62 19.76 -3.31 3.78
CA ALA A 62 18.76 -3.94 4.64
C ALA A 62 19.39 -4.40 5.95
N LYS A 63 20.50 -5.15 5.86
CA LYS A 63 21.16 -5.65 7.07
C LYS A 63 21.61 -4.54 8.00
N ARG A 64 21.55 -3.28 7.57
CA ARG A 64 21.91 -2.15 8.40
C ARG A 64 20.72 -1.26 8.75
N VAL A 65 19.51 -1.64 8.34
CA VAL A 65 18.32 -0.98 8.89
C VAL A 65 18.12 -1.49 10.32
N PRO A 66 18.02 -0.60 11.31
CA PRO A 66 18.03 -1.05 12.70
C PRO A 66 16.92 -2.04 13.01
N GLY A 67 17.30 -3.17 13.60
CA GLY A 67 16.36 -4.22 13.95
C GLY A 67 16.14 -5.27 12.90
N PHE A 68 16.69 -5.11 11.70
CA PHE A 68 16.46 -6.08 10.64
C PHE A 68 17.22 -7.37 10.87
N VAL A 69 18.48 -7.29 11.30
CA VAL A 69 19.25 -8.51 11.54
C VAL A 69 18.90 -9.19 12.85
N ASP A 70 18.05 -8.59 13.67
CA ASP A 70 17.55 -9.29 14.83
C ASP A 70 16.57 -10.40 14.46
N LEU A 71 16.00 -10.34 13.27
CA LEU A 71 15.09 -11.36 12.78
C LEU A 71 15.85 -12.59 12.29
N THR A 72 15.12 -13.70 12.17
CA THR A 72 15.70 -14.90 11.56
C THR A 72 16.01 -14.64 10.09
N LEU A 73 16.96 -15.41 9.55
CA LEU A 73 17.29 -15.25 8.14
C LEU A 73 16.10 -15.57 7.26
N HIS A 74 15.31 -16.58 7.64
CA HIS A 74 14.12 -16.95 6.87
C HIS A 74 13.18 -15.76 6.69
N ASP A 75 12.95 -15.00 7.76
CA ASP A 75 12.07 -13.85 7.67
C ASP A 75 12.76 -12.66 7.02
N GLN A 76 14.09 -12.57 7.17
CA GLN A 76 14.83 -11.58 6.41
C GLN A 76 14.70 -11.82 4.92
N VAL A 77 14.78 -13.10 4.51
CA VAL A 77 14.61 -13.44 3.09
C VAL A 77 13.21 -13.11 2.63
N HIS A 78 12.21 -13.47 3.44
CA HIS A 78 10.82 -13.24 3.06
C HIS A 78 10.52 -11.76 2.91
N LEU A 79 11.05 -10.94 3.82
CA LEU A 79 10.84 -9.50 3.72
C LEU A 79 11.46 -8.94 2.44
N LEU A 80 12.66 -9.40 2.07
CA LEU A 80 13.27 -8.89 0.85
C LEU A 80 12.60 -9.45 -0.39
N GLU A 81 12.14 -10.72 -0.32
CA GLU A 81 11.37 -11.26 -1.43
C GLU A 81 10.13 -10.42 -1.71
N SER A 82 9.50 -9.85 -0.67
CA SER A 82 8.27 -9.08 -0.86
C SER A 82 8.50 -7.62 -1.26
N ALA A 83 9.68 -7.07 -0.99
CA ALA A 83 9.89 -5.64 -1.07
C ALA A 83 10.99 -5.20 -2.05
N TRP A 84 11.71 -6.14 -2.67
CA TRP A 84 12.89 -5.76 -3.45
C TRP A 84 12.52 -4.89 -4.64
N LEU A 85 11.42 -5.20 -5.33
CA LEU A 85 11.03 -4.37 -6.47
C LEU A 85 10.48 -3.03 -6.00
N GLU A 86 9.74 -3.01 -4.90
CA GLU A 86 9.30 -1.75 -4.31
C GLU A 86 10.48 -0.85 -3.96
N ILE A 87 11.53 -1.43 -3.37
CA ILE A 87 12.68 -0.63 -2.97
C ILE A 87 13.41 -0.09 -4.20
N LEU A 88 13.55 -0.90 -5.25
CA LEU A 88 14.17 -0.40 -6.47
C LEU A 88 13.37 0.74 -7.07
N MET A 89 12.04 0.64 -7.02
CA MET A 89 11.18 1.63 -7.64
C MET A 89 11.22 2.96 -6.89
N ILE A 90 11.12 2.93 -5.55
CA ILE A 90 11.16 4.18 -4.81
C ILE A 90 12.55 4.79 -4.89
N GLY A 91 13.60 3.98 -5.01
CA GLY A 91 14.92 4.52 -5.26
C GLY A 91 15.00 5.23 -6.59
N LEU A 92 14.42 4.64 -7.63
CA LEU A 92 14.39 5.28 -8.94
C LEU A 92 13.62 6.59 -8.89
N VAL A 93 12.47 6.59 -8.21
CA VAL A 93 11.64 7.79 -8.12
C VAL A 93 12.40 8.89 -7.39
N TRP A 94 13.13 8.54 -6.34
CA TRP A 94 13.92 9.53 -5.61
C TRP A 94 15.01 10.12 -6.49
N ARG A 95 15.75 9.29 -7.20
CA ARG A 95 16.81 9.78 -8.08
C ARG A 95 16.27 10.67 -9.19
N SER A 96 15.03 10.42 -9.62
CA SER A 96 14.39 11.17 -10.69
C SER A 96 13.60 12.37 -10.19
N MET A 97 13.60 12.62 -8.88
CA MET A 97 12.76 13.67 -8.33
C MET A 97 13.07 15.03 -8.93
N GLU A 98 14.35 15.32 -9.15
CA GLU A 98 14.78 16.64 -9.62
C GLU A 98 14.89 16.72 -11.14
N HIS A 99 14.31 15.78 -11.87
CA HIS A 99 14.36 15.75 -13.33
C HIS A 99 12.97 15.46 -13.87
N PRO A 100 12.14 16.51 -14.00
CA PRO A 100 10.74 16.30 -14.40
C PRO A 100 10.62 15.65 -15.78
N GLY A 101 9.65 14.74 -15.89
CA GLY A 101 9.40 14.05 -17.13
C GLY A 101 10.42 12.99 -17.52
N LYS A 102 11.31 12.61 -16.61
CA LYS A 102 12.36 11.64 -16.91
C LYS A 102 12.60 10.74 -15.70
N LEU A 103 13.10 9.56 -15.98
CA LEU A 103 13.49 8.60 -14.96
C LEU A 103 15.00 8.44 -15.01
N LEU A 104 15.66 8.63 -13.86
CA LEU A 104 17.12 8.56 -13.77
C LEU A 104 17.49 7.18 -13.22
N PHE A 105 17.52 6.20 -14.12
CA PHE A 105 17.98 4.87 -13.73
C PHE A 105 19.44 4.92 -13.28
N ALA A 106 20.27 5.65 -14.02
CA ALA A 106 21.65 5.91 -13.65
C ALA A 106 21.98 7.33 -14.09
N PRO A 107 23.03 7.93 -13.53
CA PRO A 107 23.42 9.27 -14.00
C PRO A 107 23.72 9.31 -15.49
N ASN A 108 24.20 8.21 -16.05
CA ASN A 108 24.45 8.11 -17.49
C ASN A 108 23.36 7.34 -18.21
N LEU A 109 22.15 7.29 -17.65
CA LEU A 109 21.01 6.56 -18.22
C LEU A 109 19.73 7.27 -17.77
N LEU A 110 19.43 8.39 -18.43
CA LEU A 110 18.27 9.22 -18.14
C LEU A 110 17.30 9.08 -19.32
N LEU A 111 16.15 8.48 -19.07
CA LEU A 111 15.18 8.17 -20.11
C LEU A 111 13.92 9.00 -19.95
N ASP A 112 13.36 9.43 -21.08
CA ASP A 112 12.07 10.10 -21.08
C ASP A 112 10.97 9.12 -21.46
N ARG A 113 9.74 9.61 -21.50
CA ARG A 113 8.59 8.75 -21.72
C ARG A 113 8.59 8.15 -23.13
N ASN A 114 9.12 8.88 -24.12
CA ASN A 114 9.11 8.39 -25.49
C ASN A 114 10.01 7.18 -25.69
N GLN A 115 11.09 7.08 -24.93
CA GLN A 115 11.97 5.93 -25.03
C GLN A 115 11.41 4.70 -24.32
N GLY A 116 10.37 4.86 -23.51
CA GLY A 116 9.78 3.74 -22.80
C GLY A 116 8.62 3.10 -23.54
N LYS A 117 8.54 3.36 -24.85
CA LYS A 117 7.45 2.85 -25.67
C LYS A 117 7.83 1.61 -26.47
N SER A 118 9.10 1.20 -26.44
CA SER A 118 9.53 0.08 -27.27
C SER A 118 8.90 -1.23 -26.81
N VAL A 119 8.74 -1.41 -25.50
CA VAL A 119 8.17 -2.63 -24.93
C VAL A 119 6.70 -2.38 -24.63
N GLU A 120 5.86 -3.35 -24.96
CA GLU A 120 4.44 -3.25 -24.67
C GLU A 120 4.21 -3.30 -23.16
N GLY A 121 3.41 -2.37 -22.65
CA GLY A 121 3.17 -2.28 -21.23
C GLY A 121 4.21 -1.54 -20.44
N MET A 122 5.31 -1.13 -21.07
CA MET A 122 6.37 -0.42 -20.35
C MET A 122 5.97 1.00 -20.03
N VAL A 123 5.25 1.66 -20.94
CA VAL A 123 4.93 3.07 -20.73
C VAL A 123 3.92 3.25 -19.61
N GLU A 124 3.05 2.26 -19.38
CA GLU A 124 2.08 2.37 -18.29
C GLU A 124 2.78 2.46 -16.95
N ILE A 125 3.81 1.64 -16.73
CA ILE A 125 4.58 1.74 -15.49
C ILE A 125 5.48 2.96 -15.52
N PHE A 126 5.98 3.32 -16.71
CA PHE A 126 6.81 4.52 -16.84
C PHE A 126 6.05 5.76 -16.38
N ASP A 127 4.81 5.93 -16.86
CA ASP A 127 4.01 7.08 -16.44
C ASP A 127 3.68 7.04 -14.96
N MET A 128 3.47 5.84 -14.40
CA MET A 128 3.24 5.72 -12.98
C MET A 128 4.46 6.16 -12.19
N LEU A 129 5.65 5.77 -12.64
CA LEU A 129 6.87 6.18 -11.95
C LEU A 129 7.05 7.69 -12.04
N LEU A 130 6.72 8.29 -13.18
CA LEU A 130 6.82 9.74 -13.32
C LEU A 130 5.85 10.46 -12.40
N ALA A 131 4.65 9.90 -12.23
CA ALA A 131 3.65 10.54 -11.38
C ALA A 131 4.10 10.56 -9.93
N THR A 132 4.61 9.43 -9.44
CA THR A 132 5.16 9.40 -8.08
C THR A 132 6.30 10.38 -7.93
N SER A 133 7.16 10.47 -8.95
CA SER A 133 8.26 11.43 -8.91
C SER A 133 7.73 12.86 -8.82
N SER A 134 6.64 13.15 -9.54
CA SER A 134 6.01 14.47 -9.42
C SER A 134 5.36 14.65 -8.05
N ARG A 135 4.80 13.58 -7.49
CA ARG A 135 4.22 13.66 -6.15
C ARG A 135 5.29 14.01 -5.12
N PHE A 136 6.42 13.31 -5.15
CA PHE A 136 7.53 13.64 -4.27
C PHE A 136 7.95 15.10 -4.44
N ARG A 137 7.97 15.57 -5.69
CA ARG A 137 8.37 16.95 -5.98
C ARG A 137 7.40 17.94 -5.35
N MET A 138 6.10 17.72 -5.54
CA MET A 138 5.09 18.61 -4.98
C MET A 138 5.15 18.68 -3.46
N MET A 139 5.68 17.64 -2.81
CA MET A 139 5.78 17.60 -1.35
C MET A 139 7.11 18.09 -0.83
N ASN A 140 8.08 18.35 -1.71
CA ASN A 140 9.45 18.64 -1.31
C ASN A 140 9.94 17.59 -0.31
N LEU A 141 9.80 16.33 -0.71
CA LEU A 141 10.25 15.23 0.13
C LEU A 141 11.75 15.35 0.41
N GLN A 142 12.11 15.33 1.68
CA GLN A 142 13.49 15.45 2.12
C GLN A 142 14.15 14.07 2.19
N GLY A 143 15.46 14.06 2.04
CA GLY A 143 16.19 12.80 2.08
C GLY A 143 16.01 12.05 3.38
N GLU A 144 15.91 12.76 4.50
CA GLU A 144 15.71 12.11 5.79
C GLU A 144 14.36 11.40 5.85
N GLU A 145 13.34 11.95 5.20
CA GLU A 145 12.06 11.25 5.11
C GLU A 145 12.11 10.09 4.14
N PHE A 146 12.96 10.19 3.11
CA PHE A 146 13.03 9.13 2.10
C PHE A 146 13.58 7.84 2.69
N VAL A 147 14.68 7.94 3.44
CA VAL A 147 15.28 6.74 4.01
C VAL A 147 14.34 6.09 5.03
N CYS A 148 13.49 6.89 5.68
CA CYS A 148 12.50 6.31 6.58
C CYS A 148 11.44 5.56 5.78
N LEU A 149 10.95 6.14 4.69
CA LEU A 149 9.92 5.49 3.88
C LEU A 149 10.45 4.20 3.27
N LYS A 150 11.71 4.18 2.85
CA LYS A 150 12.27 2.97 2.28
C LYS A 150 12.44 1.89 3.34
N SER A 151 12.77 2.27 4.58
CA SER A 151 12.85 1.30 5.66
C SER A 151 11.49 0.72 5.99
N ILE A 152 10.44 1.52 5.87
CA ILE A 152 9.09 1.01 6.11
C ILE A 152 8.72 -0.02 5.07
N ILE A 153 9.02 0.25 3.79
CA ILE A 153 8.74 -0.70 2.73
C ILE A 153 9.41 -2.04 3.03
N LEU A 154 10.65 -2.00 3.50
CA LEU A 154 11.38 -3.24 3.79
C LEU A 154 10.69 -4.06 4.87
N LEU A 155 10.17 -3.40 5.90
CA LEU A 155 9.61 -4.15 7.02
C LEU A 155 8.13 -4.47 6.87
N ASN A 156 7.38 -3.66 6.13
CA ASN A 156 5.93 -3.80 6.09
C ASN A 156 5.42 -4.62 4.92
N SER A 157 6.15 -4.66 3.80
CA SER A 157 5.61 -5.25 2.58
C SER A 157 5.29 -6.74 2.77
N GLY A 158 6.09 -7.44 3.55
CA GLY A 158 5.88 -8.88 3.70
C GLY A 158 5.55 -9.35 5.11
N VAL A 159 5.10 -8.43 5.98
CA VAL A 159 4.84 -8.81 7.37
C VAL A 159 3.47 -9.44 7.55
N TYR A 160 2.58 -9.33 6.56
CA TYR A 160 1.26 -9.94 6.62
C TYR A 160 1.18 -11.26 5.87
N THR A 161 2.29 -11.73 5.29
CA THR A 161 2.30 -12.95 4.50
C THR A 161 3.34 -13.95 4.98
N PHE A 162 3.71 -13.91 6.25
CA PHE A 162 4.70 -14.83 6.81
C PHE A 162 4.24 -16.28 6.72
N THR A 166 3.33 -19.72 14.38
CA THR A 166 4.14 -20.18 15.52
C THR A 166 4.48 -19.02 16.43
N LEU A 167 4.87 -19.35 17.67
CA LEU A 167 5.26 -18.32 18.63
C LEU A 167 6.52 -17.58 18.19
N LYS A 168 7.44 -18.25 17.49
CA LYS A 168 8.60 -17.55 16.95
C LYS A 168 8.16 -16.50 15.94
N SER A 169 7.18 -16.83 15.10
CA SER A 169 6.71 -15.86 14.10
C SER A 169 5.93 -14.74 14.75
N LEU A 170 5.16 -15.04 15.81
CA LEU A 170 4.45 -13.98 16.52
C LEU A 170 5.42 -13.02 17.19
N GLU A 171 6.50 -13.55 17.78
CA GLU A 171 7.49 -12.70 18.43
C GLU A 171 8.20 -11.79 17.44
N GLU A 172 8.38 -12.24 16.20
CA GLU A 172 9.07 -11.43 15.22
C GLU A 172 8.16 -10.39 14.58
N LYS A 173 6.88 -10.74 14.34
CA LYS A 173 5.93 -9.73 13.90
C LYS A 173 5.82 -8.61 14.92
N ASP A 174 5.86 -8.96 16.21
CA ASP A 174 5.86 -7.94 17.26
C ASP A 174 7.10 -7.06 17.19
N HIS A 175 8.24 -7.65 16.85
CA HIS A 175 9.47 -6.87 16.71
C HIS A 175 9.42 -5.95 15.50
N ILE A 176 8.86 -6.44 14.39
CA ILE A 176 8.76 -5.61 13.20
C ILE A 176 7.87 -4.41 13.47
N HIS A 177 6.75 -4.61 14.18
CA HIS A 177 5.88 -3.49 14.48
C HIS A 177 6.49 -2.55 15.52
N ARG A 178 7.39 -3.07 16.36
CA ARG A 178 8.13 -2.19 17.26
C ARG A 178 9.11 -1.32 16.49
N VAL A 179 9.82 -1.89 15.53
CA VAL A 179 10.75 -1.10 14.73
C VAL A 179 9.99 -0.10 13.86
N LEU A 180 8.87 -0.53 13.27
CA LEU A 180 8.04 0.40 12.50
C LEU A 180 7.55 1.55 13.37
N ASP A 181 7.26 1.28 14.65
CA ASP A 181 6.83 2.33 15.56
C ASP A 181 7.92 3.39 15.77
N LYS A 182 9.19 2.97 15.85
CA LYS A 182 10.27 3.94 16.02
C LYS A 182 10.47 4.76 14.75
N ILE A 183 10.31 4.13 13.59
CA ILE A 183 10.45 4.87 12.34
C ILE A 183 9.34 5.91 12.22
N THR A 184 8.14 5.57 12.73
CA THR A 184 7.06 6.54 12.74
C THR A 184 7.39 7.72 13.65
N ASP A 185 7.89 7.44 14.86
CA ASP A 185 8.35 8.51 15.74
C ASP A 185 9.45 9.34 15.08
N THR A 186 10.31 8.68 14.30
CA THR A 186 11.39 9.39 13.64
C THR A 186 10.87 10.35 12.58
N LEU A 187 9.88 9.91 11.79
CA LEU A 187 9.24 10.80 10.83
C LEU A 187 8.58 11.98 11.54
N ILE A 188 7.81 11.70 12.59
CA ILE A 188 7.15 12.77 13.34
C ILE A 188 8.18 13.76 13.85
N HIS A 189 9.26 13.25 14.46
CA HIS A 189 10.28 14.14 14.99
C HIS A 189 10.94 14.97 13.90
N LEU A 190 11.20 14.36 12.74
CA LEU A 190 11.77 15.11 11.63
C LEU A 190 10.84 16.23 11.18
N MET A 191 9.53 15.98 11.20
CA MET A 191 8.58 17.01 10.79
C MET A 191 8.41 18.07 11.88
N ALA A 192 8.66 17.71 13.14
CA ALA A 192 8.62 18.70 14.22
C ALA A 192 9.87 19.56 14.23
N LYS A 193 11.05 18.93 14.05
CA LYS A 193 12.30 19.68 13.95
C LYS A 193 12.29 20.66 12.78
N ALA A 194 11.44 20.43 11.78
CA ALA A 194 11.36 21.28 10.61
C ALA A 194 10.36 22.43 10.76
N GLY A 195 9.60 22.47 11.85
CA GLY A 195 8.70 23.56 12.13
C GLY A 195 7.26 23.37 11.71
N LEU A 196 6.77 22.14 11.65
CA LEU A 196 5.39 21.86 11.31
C LEU A 196 4.55 21.79 12.58
N THR A 197 3.31 22.27 12.49
CA THR A 197 2.41 22.13 13.62
C THR A 197 1.97 20.66 13.74
N LEU A 198 1.20 20.37 14.79
CA LEU A 198 0.78 18.99 15.00
C LEU A 198 -0.16 18.52 13.90
N GLN A 199 -1.09 19.39 13.48
CA GLN A 199 -1.99 19.01 12.40
C GLN A 199 -1.22 18.75 11.11
N GLN A 200 -0.20 19.56 10.82
CA GLN A 200 0.59 19.33 9.63
C GLN A 200 1.48 18.09 9.77
N GLN A 201 1.86 17.75 11.00
CA GLN A 201 2.67 16.55 11.22
C GLN A 201 1.86 15.28 10.92
N HIS A 202 0.65 15.18 11.48
CA HIS A 202 -0.17 14.00 11.23
C HIS A 202 -0.63 13.95 9.78
N GLN A 203 -0.92 15.10 9.18
CA GLN A 203 -1.39 15.12 7.81
C GLN A 203 -0.29 14.74 6.83
N ARG A 204 0.94 15.21 7.06
CA ARG A 204 2.03 14.86 6.17
C ARG A 204 2.44 13.40 6.35
N LEU A 205 2.46 12.92 7.60
CA LEU A 205 2.70 11.51 7.84
C LEU A 205 1.71 10.65 7.06
N ALA A 206 0.42 10.96 7.16
CA ALA A 206 -0.58 10.24 6.39
C ALA A 206 -0.31 10.37 4.90
N GLN A 207 0.07 11.56 4.46
CA GLN A 207 0.35 11.79 3.04
C GLN A 207 1.49 10.90 2.56
N LEU A 208 2.52 10.72 3.38
CA LEU A 208 3.66 9.90 2.98
C LEU A 208 3.29 8.43 2.91
N LEU A 209 2.63 7.92 3.96
CA LEU A 209 2.29 6.51 4.01
C LEU A 209 1.26 6.12 2.97
N LEU A 210 0.40 7.06 2.56
CA LEU A 210 -0.55 6.76 1.50
C LEU A 210 0.15 6.57 0.15
N ILE A 211 1.29 7.24 -0.04
CA ILE A 211 2.07 7.04 -1.26
C ILE A 211 2.58 5.60 -1.33
N LEU A 212 2.87 5.00 -0.18
CA LEU A 212 3.35 3.61 -0.17
C LEU A 212 2.32 2.66 -0.76
N SER A 213 1.03 2.97 -0.64
CA SER A 213 0.02 2.14 -1.27
C SER A 213 0.17 2.12 -2.78
N HIS A 214 0.51 3.28 -3.37
CA HIS A 214 0.67 3.34 -4.82
C HIS A 214 2.00 2.72 -5.27
N ILE A 215 3.05 2.83 -4.46
CA ILE A 215 4.29 2.15 -4.79
C ILE A 215 4.07 0.63 -4.84
N ARG A 216 3.31 0.09 -3.88
CA ARG A 216 2.97 -1.32 -3.95
C ARG A 216 2.19 -1.64 -5.21
N HIS A 217 1.24 -0.77 -5.58
CA HIS A 217 0.51 -0.95 -6.83
C HIS A 217 1.45 -0.94 -8.03
N MET A 218 2.42 -0.03 -8.04
CA MET A 218 3.42 -0.01 -9.11
C MET A 218 4.23 -1.29 -9.12
N SER A 219 4.65 -1.75 -7.93
CA SER A 219 5.44 -2.98 -7.83
C SER A 219 4.66 -4.17 -8.37
N ASN A 220 3.36 -4.24 -8.08
CA ASN A 220 2.53 -5.32 -8.60
C ASN A 220 2.45 -5.31 -10.12
N LYS A 221 2.45 -4.11 -10.73
CA LYS A 221 2.45 -4.04 -12.19
C LYS A 221 3.82 -4.37 -12.76
N GLY A 222 4.89 -3.92 -12.10
CA GLY A 222 6.23 -4.26 -12.54
C GLY A 222 6.46 -5.75 -12.53
N MET A 223 6.05 -6.44 -11.46
CA MET A 223 6.18 -7.89 -11.42
C MET A 223 5.43 -8.54 -12.58
N GLU A 224 4.21 -8.09 -12.84
CA GLU A 224 3.43 -8.65 -13.95
C GLU A 224 4.11 -8.37 -15.29
N HIS A 225 4.67 -7.18 -15.45
CA HIS A 225 5.33 -6.81 -16.70
C HIS A 225 6.61 -7.62 -16.91
N LEU A 226 7.36 -7.88 -15.83
CA LEU A 226 8.58 -8.67 -15.95
C LEU A 226 8.28 -10.12 -16.29
N TYR A 227 7.12 -10.65 -15.88
CA TYR A 227 6.77 -12.03 -16.19
C TYR A 227 6.38 -12.22 -17.65
N SER A 228 5.99 -11.15 -18.34
CA SER A 228 5.63 -11.22 -19.75
C SER A 228 6.82 -11.00 -20.68
N MET A 229 8.03 -10.93 -20.14
CA MET A 229 9.22 -10.71 -20.97
C MET A 229 10.12 -11.94 -20.98
N ASN A 233 13.76 -16.24 -15.23
CA ASN A 233 14.36 -15.82 -13.97
C ASN A 233 14.03 -14.38 -13.65
N VAL A 234 12.83 -14.15 -13.11
CA VAL A 234 12.37 -12.80 -12.79
C VAL A 234 12.72 -12.42 -11.35
N VAL A 235 12.42 -13.31 -10.39
CA VAL A 235 12.59 -12.99 -8.99
C VAL A 235 14.00 -13.38 -8.55
N PRO A 236 14.57 -12.74 -7.53
CA PRO A 236 15.75 -13.31 -6.88
C PRO A 236 15.34 -14.53 -6.06
N SER A 237 16.06 -15.62 -6.25
CA SER A 237 15.69 -16.87 -5.64
C SER A 237 15.87 -16.81 -4.12
N TYR A 238 15.24 -17.76 -3.44
CA TYR A 238 15.41 -17.89 -1.99
C TYR A 238 16.88 -18.14 -1.65
N ASP A 239 17.51 -19.09 -2.35
CA ASP A 239 18.90 -19.41 -2.05
C ASP A 239 19.83 -18.25 -2.36
N LEU A 240 19.51 -17.46 -3.40
CA LEU A 240 20.34 -16.31 -3.72
C LEU A 240 20.19 -15.21 -2.68
N LEU A 241 18.94 -14.88 -2.32
CA LEU A 241 18.72 -13.90 -1.27
C LEU A 241 19.32 -14.35 0.05
N LEU A 242 19.25 -15.65 0.33
CA LEU A 242 19.86 -16.17 1.56
C LEU A 242 21.38 -16.13 1.49
N GLU A 243 21.94 -16.39 0.30
CA GLU A 243 23.40 -16.39 0.17
C GLU A 243 23.96 -15.00 0.43
N MET A 244 23.32 -13.96 -0.08
CA MET A 244 23.79 -12.60 0.16
C MET A 244 23.55 -12.18 1.59
N LEU A 245 22.41 -12.57 2.17
CA LEU A 245 22.10 -12.19 3.54
C LEU A 245 23.02 -12.89 4.54
N ASP A 246 23.24 -14.18 4.34
CA ASP A 246 24.00 -15.00 5.29
C ASP A 246 25.45 -14.53 5.40
N LEU B 9 -16.82 19.69 3.93
CA LEU B 9 -15.48 19.78 4.50
C LEU B 9 -15.50 20.60 5.79
N SER B 10 -16.59 21.32 6.02
CA SER B 10 -16.74 22.14 7.22
C SER B 10 -17.27 21.35 8.41
N LEU B 11 -17.45 20.05 8.26
CA LEU B 11 -17.94 19.24 9.37
C LEU B 11 -16.87 19.11 10.45
N THR B 12 -17.33 18.85 11.68
CA THR B 12 -16.42 18.55 12.76
C THR B 12 -15.99 17.09 12.69
N ALA B 13 -15.04 16.72 13.55
CA ALA B 13 -14.59 15.33 13.59
C ALA B 13 -15.71 14.41 14.05
N ASP B 14 -16.51 14.85 15.03
CA ASP B 14 -17.62 14.03 15.49
C ASP B 14 -18.70 13.94 14.42
N GLN B 15 -18.96 15.05 13.71
CA GLN B 15 -19.93 15.01 12.62
C GLN B 15 -19.44 14.16 11.46
N MET B 16 -18.11 14.12 11.25
CA MET B 16 -17.56 13.26 10.20
C MET B 16 -17.79 11.79 10.50
N VAL B 17 -17.55 11.37 11.74
CA VAL B 17 -17.78 9.98 12.13
C VAL B 17 -19.24 9.61 11.98
N SER B 18 -20.15 10.47 12.48
CA SER B 18 -21.57 10.20 12.39
C SER B 18 -22.04 10.06 10.95
N ALA B 19 -21.53 10.92 10.07
CA ALA B 19 -21.91 10.83 8.66
C ALA B 19 -21.48 9.50 8.05
N LEU B 20 -20.26 9.06 8.33
CA LEU B 20 -19.77 7.82 7.77
C LEU B 20 -20.47 6.61 8.38
N LEU B 21 -20.75 6.65 9.68
CA LEU B 21 -21.41 5.52 10.32
C LEU B 21 -22.80 5.30 9.77
N ASP B 22 -23.55 6.38 9.52
CA ASP B 22 -24.89 6.25 8.97
C ASP B 22 -24.87 5.88 7.49
N ALA B 23 -23.76 6.15 6.80
CA ALA B 23 -23.62 5.81 5.39
C ALA B 23 -23.20 4.36 5.16
N GLU B 24 -23.03 3.57 6.22
CA GLU B 24 -22.55 2.21 6.07
C GLU B 24 -23.55 1.39 5.24
N PRO B 25 -23.07 0.61 4.27
CA PRO B 25 -23.99 -0.19 3.45
C PRO B 25 -24.56 -1.36 4.23
N PRO B 26 -25.67 -1.93 3.79
CA PRO B 26 -26.25 -3.08 4.48
C PRO B 26 -25.49 -4.36 4.19
N ILE B 27 -25.75 -5.37 5.00
CA ILE B 27 -25.16 -6.69 4.82
C ILE B 27 -26.08 -7.47 3.89
N LEU B 28 -25.57 -7.79 2.70
CA LEU B 28 -26.38 -8.53 1.75
C LEU B 28 -26.30 -10.03 2.03
N TYR B 29 -27.26 -10.77 1.48
CA TYR B 29 -27.34 -12.20 1.68
C TYR B 29 -26.99 -12.94 0.39
N SER B 30 -26.60 -14.20 0.54
CA SER B 30 -26.32 -15.06 -0.60
C SER B 30 -27.60 -15.66 -1.15
N PHE B 38 -24.64 -27.71 -1.93
CA PHE B 38 -23.63 -26.64 -1.98
C PHE B 38 -22.32 -27.18 -2.55
N SER B 39 -21.86 -26.67 -3.69
CA SER B 39 -20.67 -27.21 -4.36
C SER B 39 -19.65 -26.14 -4.74
N GLU B 40 -18.43 -26.56 -5.08
CA GLU B 40 -17.34 -25.66 -5.47
C GLU B 40 -17.75 -24.84 -6.70
N ALA B 41 -18.36 -25.49 -7.69
CA ALA B 41 -18.82 -24.76 -8.88
C ALA B 41 -19.91 -23.76 -8.48
N SER B 42 -20.78 -24.13 -7.55
CA SER B 42 -21.80 -23.15 -7.16
C SER B 42 -21.18 -22.15 -6.18
N MET B 43 -19.95 -22.38 -5.72
CA MET B 43 -19.46 -21.41 -4.74
C MET B 43 -19.10 -20.08 -5.41
N MET B 44 -18.32 -20.12 -6.50
CA MET B 44 -18.01 -18.89 -7.24
C MET B 44 -19.23 -18.25 -7.87
N GLY B 45 -20.24 -19.06 -8.23
CA GLY B 45 -21.49 -18.49 -8.68
C GLY B 45 -22.09 -17.55 -7.64
N LEU B 46 -22.11 -18.00 -6.38
CA LEU B 46 -22.67 -17.18 -5.31
C LEU B 46 -21.80 -15.97 -5.02
N LEU B 47 -20.48 -16.15 -5.04
CA LEU B 47 -19.58 -15.06 -4.72
C LEU B 47 -19.64 -13.96 -5.79
N THR B 48 -19.69 -14.35 -7.05
CA THR B 48 -19.79 -13.37 -8.15
C THR B 48 -21.15 -12.66 -8.05
N ASN B 49 -22.21 -13.41 -7.79
CA ASN B 49 -23.55 -12.83 -7.65
C ASN B 49 -23.60 -11.84 -6.48
N LEU B 50 -23.00 -12.20 -5.35
CA LEU B 50 -22.96 -11.36 -4.13
C LEU B 50 -22.21 -10.05 -4.39
N ALA B 51 -21.02 -10.12 -4.98
CA ALA B 51 -20.23 -8.91 -5.28
C ALA B 51 -20.98 -8.02 -6.27
N ASP B 52 -21.67 -8.61 -7.24
CA ASP B 52 -22.42 -7.82 -8.23
C ASP B 52 -23.52 -7.00 -7.52
N ARG B 53 -24.21 -7.58 -6.55
CA ARG B 53 -25.29 -6.87 -5.81
C ARG B 53 -24.72 -5.85 -4.82
N GLU B 54 -23.53 -6.11 -4.32
CA GLU B 54 -22.91 -5.19 -3.33
C GLU B 54 -22.40 -3.90 -3.98
N LEU B 55 -22.08 -3.93 -5.26
CA LEU B 55 -21.48 -2.76 -5.90
C LEU B 55 -22.43 -1.58 -5.88
N VAL B 56 -23.72 -1.84 -6.06
CA VAL B 56 -24.70 -0.76 -6.05
C VAL B 56 -24.71 -0.06 -4.69
N HIS B 57 -24.73 -0.85 -3.61
CA HIS B 57 -24.75 -0.28 -2.28
C HIS B 57 -23.42 0.37 -1.93
N MET B 58 -22.31 -0.10 -2.52
CA MET B 58 -21.03 0.57 -2.32
C MET B 58 -21.04 1.96 -2.94
N ILE B 59 -21.59 2.08 -4.14
CA ILE B 59 -21.66 3.38 -4.80
C ILE B 59 -22.58 4.31 -4.02
N ASN B 60 -23.68 3.77 -3.48
CA ASN B 60 -24.54 4.56 -2.61
C ASN B 60 -23.80 5.05 -1.38
N TRP B 61 -22.90 4.20 -0.84
CA TRP B 61 -22.09 4.63 0.30
C TRP B 61 -21.10 5.70 -0.11
N ALA B 62 -20.49 5.56 -1.30
CA ALA B 62 -19.53 6.55 -1.78
C ALA B 62 -20.15 7.94 -1.87
N LYS B 63 -21.37 8.03 -2.41
CA LYS B 63 -22.01 9.33 -2.57
C LYS B 63 -22.19 10.05 -1.24
N ARG B 64 -22.22 9.33 -0.12
CA ARG B 64 -22.39 9.92 1.20
C ARG B 64 -21.07 10.17 1.92
N VAL B 65 -19.94 9.87 1.30
CA VAL B 65 -18.64 10.22 1.88
C VAL B 65 -18.45 11.72 1.70
N PRO B 66 -18.26 12.48 2.78
CA PRO B 66 -18.22 13.95 2.64
C PRO B 66 -17.14 14.38 1.68
N GLY B 67 -17.54 15.20 0.70
CA GLY B 67 -16.64 15.69 -0.32
C GLY B 67 -16.64 14.90 -1.62
N PHE B 68 -17.23 13.70 -1.63
CA PHE B 68 -17.17 12.87 -2.82
C PHE B 68 -18.03 13.45 -3.95
N VAL B 69 -19.26 13.86 -3.63
CA VAL B 69 -20.15 14.37 -4.66
C VAL B 69 -19.75 15.75 -5.17
N ASP B 70 -18.78 16.40 -4.52
CA ASP B 70 -18.23 17.63 -5.03
C ASP B 70 -17.27 17.41 -6.19
N LEU B 71 -16.82 16.18 -6.40
CA LEU B 71 -15.98 15.83 -7.53
C LEU B 71 -16.82 15.73 -8.80
N THR B 72 -16.16 15.86 -9.94
CA THR B 72 -16.85 15.62 -11.20
C THR B 72 -17.27 14.16 -11.29
N LEU B 73 -18.31 13.92 -12.09
CA LEU B 73 -18.75 12.54 -12.31
C LEU B 73 -17.65 11.69 -12.93
N HIS B 74 -16.83 12.29 -13.80
CA HIS B 74 -15.72 11.56 -14.39
C HIS B 74 -14.74 11.09 -13.32
N ASP B 75 -14.36 11.98 -12.42
CA ASP B 75 -13.44 11.60 -11.36
C ASP B 75 -14.10 10.68 -10.33
N GLN B 76 -15.40 10.85 -10.12
CA GLN B 76 -16.13 9.94 -9.24
C GLN B 76 -16.02 8.51 -9.75
N VAL B 77 -16.27 8.29 -11.04
CA VAL B 77 -16.20 6.95 -11.61
C VAL B 77 -14.78 6.41 -11.54
N HIS B 78 -13.78 7.23 -11.87
CA HIS B 78 -12.40 6.75 -11.86
C HIS B 78 -11.98 6.31 -10.47
N LEU B 79 -12.41 7.03 -9.44
CA LEU B 79 -12.11 6.61 -8.07
C LEU B 79 -12.78 5.29 -7.73
N LEU B 80 -13.98 5.04 -8.27
CA LEU B 80 -14.69 3.81 -7.96
C LEU B 80 -14.10 2.64 -8.74
N GLU B 81 -13.75 2.87 -10.01
CA GLU B 81 -13.05 1.87 -10.81
C GLU B 81 -11.77 1.43 -10.10
N SER B 82 -11.07 2.37 -9.47
CA SER B 82 -9.80 2.08 -8.85
C SER B 82 -9.94 1.42 -7.48
N ALA B 83 -11.04 1.64 -6.77
CA ALA B 83 -11.15 1.21 -5.37
C ALA B 83 -12.18 0.14 -5.08
N TRP B 84 -12.96 -0.30 -6.08
CA TRP B 84 -14.14 -1.13 -5.77
C TRP B 84 -13.75 -2.48 -5.17
N LEU B 85 -12.66 -3.09 -5.65
CA LEU B 85 -12.28 -4.39 -5.10
C LEU B 85 -11.68 -4.25 -3.71
N GLU B 86 -10.90 -3.19 -3.48
CA GLU B 86 -10.37 -2.93 -2.15
C GLU B 86 -11.49 -2.74 -1.13
N ILE B 87 -12.55 -2.02 -1.50
CA ILE B 87 -13.64 -1.75 -0.57
C ILE B 87 -14.44 -3.02 -0.30
N LEU B 88 -14.62 -3.86 -1.31
CA LEU B 88 -15.28 -5.14 -1.08
C LEU B 88 -14.47 -6.00 -0.12
N MET B 89 -13.14 -5.94 -0.22
CA MET B 89 -12.28 -6.79 0.60
C MET B 89 -12.22 -6.29 2.04
N ILE B 90 -12.02 -4.98 2.24
CA ILE B 90 -11.92 -4.47 3.60
C ILE B 90 -13.25 -4.60 4.34
N GLY B 91 -14.37 -4.54 3.61
CA GLY B 91 -15.65 -4.80 4.24
C GLY B 91 -15.84 -6.27 4.59
N LEU B 92 -15.29 -7.15 3.75
CA LEU B 92 -15.31 -8.58 4.08
C LEU B 92 -14.44 -8.87 5.30
N VAL B 93 -13.26 -8.24 5.36
CA VAL B 93 -12.37 -8.44 6.50
C VAL B 93 -13.02 -7.93 7.78
N TRP B 94 -13.73 -6.80 7.68
CA TRP B 94 -14.41 -6.28 8.87
C TRP B 94 -15.51 -7.22 9.34
N ARG B 95 -16.28 -7.77 8.41
CA ARG B 95 -17.35 -8.71 8.77
C ARG B 95 -16.78 -9.99 9.37
N SER B 96 -15.65 -10.47 8.85
CA SER B 96 -15.03 -11.72 9.24
C SER B 96 -14.11 -11.56 10.45
N MET B 97 -14.08 -10.36 11.06
CA MET B 97 -13.09 -10.04 12.08
C MET B 97 -13.26 -10.89 13.33
N GLU B 98 -14.51 -11.15 13.74
CA GLU B 98 -14.74 -11.94 14.94
C GLU B 98 -15.12 -13.37 14.61
N HIS B 99 -14.73 -13.86 13.43
CA HIS B 99 -14.89 -15.26 13.06
C HIS B 99 -13.51 -15.79 12.67
N PRO B 100 -12.69 -16.16 13.67
CA PRO B 100 -11.29 -16.51 13.36
C PRO B 100 -11.20 -17.69 12.41
N GLY B 101 -10.25 -17.58 11.47
CA GLY B 101 -10.03 -18.63 10.49
C GLY B 101 -11.09 -18.76 9.44
N LYS B 102 -12.09 -17.86 9.42
CA LYS B 102 -13.22 -17.95 8.51
C LYS B 102 -13.44 -16.58 7.87
N LEU B 103 -14.12 -16.60 6.72
CA LEU B 103 -14.48 -15.39 5.99
C LEU B 103 -16.00 -15.33 5.87
N LEU B 104 -16.61 -14.30 6.45
CA LEU B 104 -18.06 -14.14 6.47
C LEU B 104 -18.49 -13.30 5.26
N PHE B 105 -18.62 -13.98 4.12
CA PHE B 105 -19.06 -13.30 2.90
C PHE B 105 -20.48 -12.78 3.07
N ALA B 106 -21.36 -13.60 3.59
CA ALA B 106 -22.74 -13.26 3.90
C ALA B 106 -23.11 -14.01 5.15
N PRO B 107 -24.17 -13.58 5.87
CA PRO B 107 -24.60 -14.31 7.07
C PRO B 107 -24.92 -15.78 6.80
N ASN B 108 -25.37 -16.10 5.59
CA ASN B 108 -25.61 -17.49 5.20
C ASN B 108 -24.48 -18.03 4.32
N LEU B 109 -23.29 -17.44 4.39
CA LEU B 109 -22.15 -17.85 3.56
C LEU B 109 -20.88 -17.61 4.37
N LEU B 110 -20.59 -18.54 5.28
CA LEU B 110 -19.39 -18.50 6.11
C LEU B 110 -18.47 -19.61 5.63
N LEU B 111 -17.31 -19.22 5.10
CA LEU B 111 -16.36 -20.16 4.52
C LEU B 111 -15.07 -20.19 5.32
N ASP B 112 -14.42 -21.34 5.32
CA ASP B 112 -13.11 -21.50 5.97
C ASP B 112 -12.07 -21.82 4.91
N ARG B 113 -10.85 -22.13 5.36
CA ARG B 113 -9.73 -22.30 4.45
C ARG B 113 -9.92 -23.48 3.51
N ASN B 114 -10.51 -24.58 4.02
CA ASN B 114 -10.54 -25.82 3.26
C ASN B 114 -11.40 -25.69 2.00
N GLN B 115 -12.52 -25.01 2.12
CA GLN B 115 -13.46 -24.70 1.05
C GLN B 115 -12.86 -23.81 -0.03
N GLY B 116 -11.65 -23.29 0.18
CA GLY B 116 -10.94 -22.55 -0.85
C GLY B 116 -9.78 -23.27 -1.49
N LYS B 117 -9.53 -24.53 -1.11
CA LYS B 117 -8.41 -25.29 -1.68
C LYS B 117 -8.74 -25.92 -3.03
N SER B 118 -10.03 -26.08 -3.33
CA SER B 118 -10.43 -26.71 -4.59
C SER B 118 -10.20 -25.81 -5.80
N VAL B 119 -9.88 -24.53 -5.59
CA VAL B 119 -9.70 -23.57 -6.67
C VAL B 119 -8.23 -23.17 -6.72
N GLU B 120 -7.63 -23.24 -7.90
CA GLU B 120 -6.23 -22.86 -8.07
C GLU B 120 -6.07 -21.38 -7.78
N GLY B 121 -5.22 -21.05 -6.81
CA GLY B 121 -4.94 -19.68 -6.48
C GLY B 121 -5.95 -19.01 -5.56
N MET B 122 -6.90 -19.76 -5.01
CA MET B 122 -7.89 -19.17 -4.11
C MET B 122 -7.39 -19.13 -2.67
N VAL B 123 -6.74 -20.19 -2.21
CA VAL B 123 -6.30 -20.24 -0.82
C VAL B 123 -5.23 -19.19 -0.56
N GLU B 124 -4.43 -18.85 -1.58
CA GLU B 124 -3.42 -17.81 -1.42
C GLU B 124 -4.05 -16.48 -1.06
N ILE B 125 -5.20 -16.17 -1.65
CA ILE B 125 -5.90 -14.93 -1.33
C ILE B 125 -6.75 -15.09 -0.08
N PHE B 126 -7.36 -16.25 0.12
CA PHE B 126 -8.07 -16.54 1.35
C PHE B 126 -7.17 -16.33 2.56
N ASP B 127 -5.90 -16.75 2.46
CA ASP B 127 -4.98 -16.56 3.57
C ASP B 127 -4.61 -15.10 3.76
N MET B 128 -4.56 -14.32 2.67
CA MET B 128 -4.23 -12.91 2.80
C MET B 128 -5.36 -12.13 3.48
N LEU B 129 -6.60 -12.52 3.20
CA LEU B 129 -7.73 -11.86 3.87
C LEU B 129 -7.79 -12.25 5.34
N LEU B 130 -7.51 -13.52 5.66
CA LEU B 130 -7.52 -13.95 7.05
C LEU B 130 -6.40 -13.27 7.83
N ALA B 131 -5.25 -13.05 7.20
CA ALA B 131 -4.17 -12.34 7.88
C ALA B 131 -4.53 -10.87 8.13
N THR B 132 -5.30 -10.27 7.22
CA THR B 132 -5.78 -8.91 7.45
C THR B 132 -6.77 -8.87 8.62
N SER B 133 -7.69 -9.83 8.68
CA SER B 133 -8.63 -9.86 9.80
C SER B 133 -7.92 -10.16 11.11
N SER B 134 -6.85 -10.97 11.08
CA SER B 134 -6.06 -11.20 12.27
C SER B 134 -5.36 -9.92 12.72
N ARG B 135 -4.86 -9.14 11.76
CA ARG B 135 -4.24 -7.86 12.08
C ARG B 135 -5.24 -6.91 12.73
N PHE B 136 -6.49 -6.93 12.26
CA PHE B 136 -7.52 -6.09 12.85
C PHE B 136 -7.78 -6.48 14.30
N ARG B 137 -7.75 -7.78 14.60
CA ARG B 137 -8.00 -8.21 15.97
C ARG B 137 -6.87 -7.80 16.91
N MET B 138 -5.61 -7.97 16.47
CA MET B 138 -4.48 -7.58 17.31
C MET B 138 -4.52 -6.09 17.64
N MET B 139 -4.97 -5.27 16.70
CA MET B 139 -5.10 -3.84 16.93
C MET B 139 -6.42 -3.47 17.60
N ASN B 140 -7.38 -4.39 17.64
CA ASN B 140 -8.74 -4.12 18.12
C ASN B 140 -9.33 -2.90 17.40
N LEU B 141 -9.45 -3.04 16.09
CA LEU B 141 -9.95 -1.96 15.26
C LEU B 141 -11.40 -1.64 15.61
N GLN B 142 -11.69 -0.36 15.82
CA GLN B 142 -13.03 0.09 16.12
C GLN B 142 -13.78 0.42 14.84
N GLY B 143 -15.12 0.33 14.92
CA GLY B 143 -15.93 0.65 13.75
C GLY B 143 -15.76 2.08 13.28
N GLU B 144 -15.51 3.00 14.21
CA GLU B 144 -15.25 4.39 13.83
C GLU B 144 -13.98 4.51 13.01
N GLU B 145 -12.95 3.73 13.35
CA GLU B 145 -11.73 3.73 12.56
C GLU B 145 -11.91 3.00 11.23
N PHE B 146 -12.77 1.99 11.21
CA PHE B 146 -12.97 1.21 9.98
C PHE B 146 -13.60 2.08 8.90
N VAL B 147 -14.66 2.82 9.23
CA VAL B 147 -15.31 3.65 8.23
C VAL B 147 -14.39 4.76 7.74
N CYS B 148 -13.40 5.16 8.54
CA CYS B 148 -12.42 6.13 8.08
C CYS B 148 -11.42 5.50 7.12
N LEU B 149 -10.95 4.29 7.43
CA LEU B 149 -10.04 3.58 6.53
C LEU B 149 -10.70 3.29 5.20
N LYS B 150 -11.98 2.94 5.21
CA LYS B 150 -12.70 2.71 3.97
C LYS B 150 -12.80 3.99 3.14
N SER B 151 -13.04 5.12 3.78
CA SER B 151 -13.15 6.38 3.06
C SER B 151 -11.81 6.77 2.43
N ILE B 152 -10.71 6.51 3.13
CA ILE B 152 -9.40 6.84 2.58
C ILE B 152 -9.10 5.98 1.35
N ILE B 153 -9.49 4.71 1.38
CA ILE B 153 -9.29 3.82 0.23
C ILE B 153 -10.01 4.37 -0.99
N LEU B 154 -11.22 4.89 -0.82
CA LEU B 154 -11.98 5.43 -1.94
C LEU B 154 -11.28 6.64 -2.54
N LEU B 155 -10.76 7.53 -1.71
CA LEU B 155 -10.19 8.77 -2.21
C LEU B 155 -8.73 8.63 -2.64
N ASN B 156 -8.02 7.62 -2.16
CA ASN B 156 -6.58 7.51 -2.43
C ASN B 156 -6.25 6.54 -3.54
N SER B 157 -7.14 5.61 -3.89
CA SER B 157 -6.74 4.52 -4.79
C SER B 157 -6.50 5.03 -6.20
N GLY B 158 -7.34 5.95 -6.68
CA GLY B 158 -7.19 6.49 -8.02
C GLY B 158 -6.62 7.87 -8.12
N GLU B 171 -7.23 21.24 -9.24
CA GLU B 171 -8.48 21.51 -8.53
C GLU B 171 -9.11 20.22 -8.03
N GLU B 172 -9.09 19.19 -8.87
CA GLU B 172 -9.62 17.89 -8.46
C GLU B 172 -8.67 17.19 -7.50
N LYS B 173 -7.38 17.17 -7.82
CA LYS B 173 -6.42 16.54 -6.93
C LYS B 173 -6.28 17.32 -5.62
N ASP B 174 -6.35 18.65 -5.68
CA ASP B 174 -6.28 19.45 -4.48
C ASP B 174 -7.46 19.19 -3.55
N HIS B 175 -8.66 19.04 -4.12
CA HIS B 175 -9.84 18.79 -3.28
C HIS B 175 -9.79 17.41 -2.64
N ILE B 176 -9.32 16.40 -3.39
CA ILE B 176 -9.20 15.06 -2.84
C ILE B 176 -8.21 15.04 -1.68
N HIS B 177 -7.10 15.75 -1.84
CA HIS B 177 -6.12 15.81 -0.76
C HIS B 177 -6.67 16.55 0.46
N ARG B 178 -7.55 17.53 0.26
CA ARG B 178 -8.14 18.23 1.39
C ARG B 178 -9.07 17.31 2.17
N VAL B 179 -9.83 16.46 1.47
CA VAL B 179 -10.72 15.54 2.16
C VAL B 179 -9.92 14.42 2.82
N LEU B 180 -8.84 13.99 2.18
CA LEU B 180 -7.96 13.01 2.81
C LEU B 180 -7.36 13.56 4.09
N ASP B 181 -6.87 14.81 4.05
CA ASP B 181 -6.42 15.45 5.26
C ASP B 181 -7.55 15.61 6.26
N LYS B 182 -8.79 15.70 5.78
CA LYS B 182 -9.89 15.82 6.72
C LYS B 182 -10.10 14.51 7.46
N ILE B 183 -10.11 13.38 6.75
CA ILE B 183 -10.27 12.09 7.39
C ILE B 183 -9.11 11.81 8.34
N THR B 184 -7.90 12.27 7.99
CA THR B 184 -6.76 12.07 8.90
C THR B 184 -6.97 12.82 10.21
N ASP B 185 -7.48 14.05 10.14
CA ASP B 185 -7.78 14.80 11.35
C ASP B 185 -8.85 14.09 12.18
N THR B 186 -9.84 13.49 11.51
CA THR B 186 -10.90 12.78 12.23
C THR B 186 -10.36 11.55 12.93
N LEU B 187 -9.43 10.83 12.29
CA LEU B 187 -8.82 9.67 12.92
C LEU B 187 -8.04 10.06 14.17
N ILE B 188 -7.21 11.09 14.07
CA ILE B 188 -6.46 11.58 15.22
C ILE B 188 -7.40 12.01 16.33
N HIS B 189 -8.50 12.68 15.97
CA HIS B 189 -9.47 13.11 16.97
C HIS B 189 -10.07 11.92 17.70
N LEU B 190 -10.35 10.84 16.97
CA LEU B 190 -10.92 9.64 17.61
C LEU B 190 -9.93 9.02 18.58
N MET B 191 -8.65 8.94 18.21
CA MET B 191 -7.67 8.33 19.10
C MET B 191 -7.39 9.20 20.30
N ALA B 192 -7.35 10.53 20.11
CA ALA B 192 -7.15 11.42 21.24
C ALA B 192 -8.33 11.37 22.20
N LYS B 193 -9.55 11.24 21.66
CA LYS B 193 -10.72 11.14 22.53
C LYS B 193 -10.69 9.85 23.34
N ALA B 194 -10.04 8.80 22.83
CA ALA B 194 -9.93 7.54 23.55
C ALA B 194 -8.79 7.53 24.58
N GLY B 195 -8.17 8.67 24.85
CA GLY B 195 -7.17 8.78 25.89
C GLY B 195 -5.76 8.43 25.48
N LEU B 196 -5.48 8.28 24.19
CA LEU B 196 -4.14 7.92 23.73
C LEU B 196 -3.24 9.15 23.72
N THR B 197 -1.99 8.96 24.13
CA THR B 197 -0.99 10.01 23.99
C THR B 197 -0.73 10.29 22.51
N LEU B 198 -0.03 11.40 22.22
CA LEU B 198 0.26 11.70 20.82
C LEU B 198 1.13 10.63 20.19
N GLN B 199 2.12 10.13 20.95
CA GLN B 199 2.95 9.06 20.42
C GLN B 199 2.11 7.86 20.00
N GLN B 200 1.17 7.44 20.85
CA GLN B 200 0.26 6.37 20.47
C GLN B 200 -0.67 6.80 19.33
N GLN B 201 -0.95 8.10 19.24
CA GLN B 201 -1.85 8.58 18.18
C GLN B 201 -1.23 8.41 16.81
N HIS B 202 -0.04 8.96 16.59
CA HIS B 202 0.58 8.85 15.28
C HIS B 202 1.17 7.48 15.03
N GLN B 203 1.39 6.68 16.07
CA GLN B 203 1.79 5.29 15.86
C GLN B 203 0.61 4.47 15.36
N ARG B 204 -0.55 4.62 15.98
CA ARG B 204 -1.73 3.88 15.54
C ARG B 204 -2.20 4.36 14.17
N LEU B 205 -2.12 5.68 13.93
CA LEU B 205 -2.43 6.19 12.59
C LEU B 205 -1.54 5.53 11.55
N ALA B 206 -0.24 5.44 11.81
CA ALA B 206 0.66 4.80 10.87
C ALA B 206 0.32 3.33 10.66
N GLN B 207 0.00 2.62 11.75
CA GLN B 207 -0.32 1.20 11.64
C GLN B 207 -1.60 0.99 10.82
N LEU B 208 -2.56 1.90 10.95
CA LEU B 208 -3.79 1.79 10.18
C LEU B 208 -3.51 1.98 8.68
N LEU B 209 -2.72 3.00 8.34
CA LEU B 209 -2.46 3.31 6.93
C LEU B 209 -1.50 2.33 6.27
N LEU B 210 -0.65 1.65 7.04
CA LEU B 210 0.21 0.64 6.46
C LEU B 210 -0.57 -0.60 6.05
N ILE B 211 -1.74 -0.84 6.66
CA ILE B 211 -2.60 -1.93 6.21
C ILE B 211 -3.14 -1.66 4.82
N LEU B 212 -3.32 -0.38 4.46
CA LEU B 212 -3.82 -0.04 3.13
C LEU B 212 -2.88 -0.53 2.04
N SER B 213 -1.58 -0.60 2.31
CA SER B 213 -0.65 -1.14 1.34
C SER B 213 -0.93 -2.62 1.08
N HIS B 214 -1.18 -3.38 2.14
CA HIS B 214 -1.50 -4.80 1.97
C HIS B 214 -2.86 -4.99 1.30
N ILE B 215 -3.82 -4.12 1.59
CA ILE B 215 -5.13 -4.23 0.97
C ILE B 215 -5.03 -3.97 -0.54
N ARG B 216 -4.25 -2.96 -0.93
CA ARG B 216 -3.98 -2.75 -2.36
C ARG B 216 -3.28 -3.97 -2.95
N HIS B 217 -2.39 -4.60 -2.18
CA HIS B 217 -1.74 -5.81 -2.66
C HIS B 217 -2.74 -6.93 -2.88
N MET B 218 -3.65 -7.13 -1.93
CA MET B 218 -4.67 -8.16 -2.09
C MET B 218 -5.56 -7.87 -3.29
N SER B 219 -5.94 -6.61 -3.48
CA SER B 219 -6.77 -6.25 -4.63
C SER B 219 -6.08 -6.58 -5.94
N ASN B 220 -4.77 -6.30 -6.02
CA ASN B 220 -4.03 -6.64 -7.25
C ASN B 220 -3.97 -8.14 -7.44
N LYS B 221 -3.62 -8.89 -6.40
CA LYS B 221 -3.63 -10.34 -6.49
C LYS B 221 -5.03 -10.88 -6.76
N GLY B 222 -6.05 -10.26 -6.17
CA GLY B 222 -7.41 -10.66 -6.46
C GLY B 222 -7.80 -10.42 -7.91
N MET B 223 -7.39 -9.27 -8.46
CA MET B 223 -7.65 -8.99 -9.86
C MET B 223 -7.04 -10.03 -10.77
N GLU B 224 -5.80 -10.44 -10.47
CA GLU B 224 -5.13 -11.47 -11.27
C GLU B 224 -5.90 -12.79 -11.19
N HIS B 225 -6.30 -13.16 -9.99
CA HIS B 225 -7.03 -14.43 -9.77
C HIS B 225 -8.40 -14.40 -10.45
N LEU B 226 -9.06 -13.25 -10.50
CA LEU B 226 -10.41 -13.11 -11.09
C LEU B 226 -10.30 -13.19 -12.61
N TYR B 227 -9.26 -12.59 -13.17
CA TYR B 227 -9.01 -12.60 -14.64
C TYR B 227 -8.56 -13.99 -15.13
N SER B 228 -8.12 -14.88 -14.24
CA SER B 228 -7.78 -16.27 -14.58
C SER B 228 -9.08 -17.00 -14.93
N VAL B 234 -15.00 -8.68 -15.36
CA VAL B 234 -14.57 -8.52 -13.97
C VAL B 234 -14.67 -7.07 -13.53
N VAL B 235 -14.02 -6.17 -14.25
CA VAL B 235 -14.01 -4.76 -13.87
C VAL B 235 -15.35 -4.13 -14.25
N PRO B 236 -15.97 -3.37 -13.36
CA PRO B 236 -17.21 -2.65 -13.74
C PRO B 236 -16.90 -1.58 -14.78
N SER B 237 -17.72 -1.55 -15.83
CA SER B 237 -17.49 -0.60 -16.91
C SER B 237 -17.77 0.83 -16.45
N TYR B 238 -17.18 1.78 -17.16
CA TYR B 238 -17.43 3.20 -16.88
C TYR B 238 -18.91 3.51 -16.92
N ASP B 239 -19.60 3.05 -17.98
CA ASP B 239 -21.03 3.34 -18.12
C ASP B 239 -21.85 2.71 -16.99
N LEU B 240 -21.44 1.54 -16.50
CA LEU B 240 -22.17 0.90 -15.41
C LEU B 240 -22.06 1.71 -14.13
N LEU B 241 -20.83 2.12 -13.77
CA LEU B 241 -20.65 2.93 -12.56
C LEU B 241 -21.35 4.28 -12.69
N LEU B 242 -21.32 4.86 -13.89
CA LEU B 242 -21.98 6.15 -14.09
C LEU B 242 -23.49 6.04 -13.89
N GLU B 243 -24.10 4.98 -14.42
CA GLU B 243 -25.55 4.80 -14.24
C GLU B 243 -25.91 4.69 -12.76
N MET B 244 -25.08 4.01 -11.98
CA MET B 244 -25.40 3.82 -10.56
C MET B 244 -25.27 5.11 -9.74
N LEU B 245 -24.60 6.15 -10.27
CA LEU B 245 -24.35 7.36 -9.52
C LEU B 245 -25.46 8.41 -9.67
N ASP B 246 -26.46 8.17 -10.56
CA ASP B 246 -27.33 9.16 -11.17
C ASP B 246 -26.63 10.44 -11.52
N1 TVF C . 12.84 -1.33 -14.24
C4 TVF C . 14.93 0.49 -10.97
C5 TVF C . 14.19 -0.26 -12.05
C6 TVF C . 14.83 -1.00 -12.91
C7 TVF C . 12.67 -0.10 -12.13
C8 TVF C . 11.98 -0.99 -13.15
C10 TVF C . 10.83 -1.83 -12.56
C13 TVF C . 11.01 -0.73 -16.10
C15 TVF C . 8.83 -0.89 -17.16
C17 TVF C . 9.59 1.26 -16.35
C20 TVF C . 14.60 -4.08 -14.71
C21 TVF C . 14.66 -5.57 -14.43
C22 TVF C . 14.36 -6.02 -13.25
C24 TVF C . 13.88 -3.79 -12.38
C26 TVF C . 15.43 -9.44 -13.06
C28 TVF C . 16.82 -9.23 -10.05
C1 TVF C . 16.36 -1.15 -12.80
C11 TVF C . 10.50 -0.51 -13.14
C12 TVF C . 12.37 -1.24 -15.62
C14 TVF C . 10.15 -1.49 -16.68
C16 TVF C . 8.57 0.37 -17.01
C18 TVF C . 10.70 0.74 -15.93
C19 TVF C . 14.23 -3.27 -13.75
C2 TVF C . 17.00 -0.51 -11.88
C23 TVF C . 13.93 -5.06 -12.16
C25 TVF C . 15.25 -8.12 -13.80
C27 TVF C . 15.73 -8.87 -11.03
C29 TVF C . 17.46 -10.29 -10.73
C3 TVF C . 16.24 0.36 -10.90
C30 TVF C . 16.91 -10.40 -12.07
C31 TVF C . 17.02 -11.67 -10.08
C9 TVF C . 14.17 -1.78 -14.00
N2 TVF C . 16.29 -9.25 -12.26
O1 TVF C . 13.12 -1.54 -16.43
O2 TVF C . 16.92 1.03 -9.93
O3 TVF C . 14.42 -7.38 -12.98
N1 TVF D . -14.25 -12.59 -3.49
C4 TVF D . -16.12 -9.68 -0.92
C5 TVF D . -15.45 -10.61 -1.94
C6 TVF D . -16.18 -11.25 -2.84
C7 TVF D . -13.91 -10.78 -1.88
C8 TVF D . -13.30 -11.52 -3.10
C10 TVF D . -12.26 -10.71 -3.92
C13 TVF D . -12.55 -14.66 -3.07
C15 TVF D . -10.93 -15.37 -1.34
C17 TVF D . -10.39 -15.64 -3.75
C20 TVF D . -15.97 -12.37 -6.33
C21 TVF D . -16.02 -11.78 -7.76
C22 TVF D . -15.74 -10.49 -7.94
C24 TVF D . -15.30 -10.11 -5.52
C26 TVF D . -17.05 -9.35 -11.21
C28 TVF D . -18.48 -6.35 -10.38
C1 TVF D . -17.72 -11.08 -2.86
C11 TVF D . -11.78 -11.50 -2.75
C12 TVF D . -13.94 -14.06 -3.50
C14 TVF D . -12.28 -14.77 -1.78
C16 TVF D . -10.06 -15.77 -2.25
C18 TVF D . -11.55 -15.13 -4.14
C19 TVF D . -15.64 -11.59 -5.30
C2 TVF D . -18.29 -10.27 -1.98
C23 TVF D . -15.34 -9.60 -6.75
C25 TVF D . -16.84 -10.39 -10.05
C27 TVF D . -17.54 -7.53 -10.05
C29 TVF D . -19.15 -6.77 -11.56
C3 TVF D . -17.44 -9.53 -0.94
C30 TVF D . -18.52 -8.05 -12.03
C31 TVF D . -19.04 -5.63 -12.70
C9 TVF D . -15.60 -12.21 -3.89
N2 TVF D . -17.98 -8.60 -10.91
O1 TVF D . -14.79 -14.81 -3.83
O2 TVF D . -18.04 -8.67 0.00
O3 TVF D . -15.77 -9.93 -9.24
#